data_1PSW
#
_entry.id   1PSW
#
_cell.length_a   63.407
_cell.length_b   150.125
_cell.length_c   49.674
_cell.angle_alpha   90.00
_cell.angle_beta   90.00
_cell.angle_gamma   90.00
#
_symmetry.space_group_name_H-M   'P 21 21 2'
#
loop_
_entity.id
_entity.type
_entity.pdbx_description
1 polymer 'ADP-HEPTOSE LPS HEPTOSYLTRANSFERASE II'
2 water water
#
_entity_poly.entity_id   1
_entity_poly.type   'polypeptide(L)'
_entity_poly.pdbx_seq_one_letter_code
;(MSE)KILVIGPSWVGD(MSE)(MSE)(MSE)SQSLYRTLQARYPQAIIDV(MSE)APAWCRPLLSR(MSE)PEVNEAIP
(MSE)PLGHGALEIGERRKLGHSLREKRYDRAYVLPNSFKSALVPLFAGIPHRTGWRGE(MSE)RYGLLNDVRVLDKEAW
PL(MSE)VERYIALAYDKGI(MSE)RTAQDLPQPLLWPQLQVSEGEKSYTCNQFSLSSERP(MSE)IGFCPGAEFGPAKR
WPHYHYAELAKQLIDEGYQVVLFGSAKDHEAGNEILAALNTEQQAWCRNLAGETQLDQAVILIAACKAIVTNDSGL
(MSE)HVAAALNRPLVALYGPSSPDFTPPLSHKARVIRLITGYHKVRKGDAAEGYHQSLIDITPQRVLEELNALLLQEEA
;
_entity_poly.pdbx_strand_id   A
#
# COMPACT_ATOMS: atom_id res chain seq x y z
N LYS A 2 -20.18 -16.71 -1.74
CA LYS A 2 -20.27 -15.25 -1.76
C LYS A 2 -19.69 -14.65 -0.49
N ILE A 3 -18.60 -13.90 -0.64
CA ILE A 3 -17.95 -13.31 0.50
C ILE A 3 -17.94 -11.79 0.46
N LEU A 4 -18.26 -11.18 1.59
CA LEU A 4 -18.25 -9.73 1.72
C LEU A 4 -17.10 -9.35 2.64
N VAL A 5 -16.25 -8.45 2.17
CA VAL A 5 -15.11 -8.02 2.97
C VAL A 5 -15.19 -6.53 3.27
N ILE A 6 -15.04 -6.17 4.54
CA ILE A 6 -15.05 -4.77 4.93
C ILE A 6 -13.57 -4.43 4.92
N GLY A 7 -13.14 -3.72 3.88
CA GLY A 7 -11.74 -3.39 3.76
C GLY A 7 -11.28 -2.20 4.57
N PRO A 8 -9.96 -2.09 4.82
CA PRO A 8 -9.41 -0.97 5.59
C PRO A 8 -9.43 0.32 4.79
N SER A 9 -9.20 1.44 5.48
CA SER A 9 -9.22 2.74 4.84
C SER A 9 -7.84 3.35 4.62
N TRP A 10 -6.83 2.50 4.54
CA TRP A 10 -5.47 2.97 4.31
C TRP A 10 -4.87 2.20 3.16
N VAL A 11 -4.13 2.89 2.30
CA VAL A 11 -3.51 2.26 1.16
C VAL A 11 -2.68 1.04 1.55
N GLY A 12 -1.77 1.22 2.50
CA GLY A 12 -0.93 0.11 2.92
C GLY A 12 -1.73 -1.11 3.33
N ASP A 13 -2.65 -0.91 4.27
CA ASP A 13 -3.49 -1.97 4.80
C ASP A 13 -4.31 -2.64 3.69
N SER A 17 -4.37 -6.50 2.49
CA SER A 17 -5.57 -7.31 2.51
C SER A 17 -5.68 -8.18 1.27
N GLN A 18 -4.92 -7.87 0.23
CA GLN A 18 -4.97 -8.71 -0.96
C GLN A 18 -4.53 -10.12 -0.62
N SER A 19 -3.64 -10.27 0.38
CA SER A 19 -3.19 -11.60 0.77
C SER A 19 -4.33 -12.45 1.26
N LEU A 20 -5.29 -11.85 1.96
CA LEU A 20 -6.44 -12.59 2.43
C LEU A 20 -7.26 -13.05 1.21
N TYR A 21 -7.49 -12.15 0.26
CA TYR A 21 -8.27 -12.49 -0.94
C TYR A 21 -7.59 -13.62 -1.73
N ARG A 22 -6.27 -13.54 -1.87
CA ARG A 22 -5.52 -14.57 -2.58
C ARG A 22 -5.63 -15.88 -1.83
N THR A 23 -5.56 -15.82 -0.51
CA THR A 23 -5.64 -17.03 0.30
C THR A 23 -7.04 -17.64 0.25
N LEU A 24 -8.07 -16.79 0.26
CA LEU A 24 -9.45 -17.27 0.22
C LEU A 24 -9.73 -18.06 -1.05
N GLN A 25 -9.21 -17.58 -2.17
CA GLN A 25 -9.42 -18.25 -3.44
C GLN A 25 -8.59 -19.51 -3.59
N ALA A 26 -7.58 -19.66 -2.74
CA ALA A 26 -6.74 -20.85 -2.78
C ALA A 26 -7.29 -21.92 -1.82
N ARG A 27 -8.06 -21.49 -0.83
CA ARG A 27 -8.61 -22.43 0.16
C ARG A 27 -10.09 -22.76 -0.05
N TYR A 28 -10.77 -21.97 -0.85
CA TYR A 28 -12.20 -22.17 -1.12
C TYR A 28 -12.51 -22.17 -2.60
N PRO A 29 -13.34 -23.12 -3.04
CA PRO A 29 -13.75 -23.24 -4.44
C PRO A 29 -14.73 -22.12 -4.81
N GLN A 30 -14.54 -21.55 -6.01
CA GLN A 30 -15.40 -20.50 -6.51
C GLN A 30 -15.72 -19.39 -5.49
N ALA A 31 -14.67 -18.81 -4.91
CA ALA A 31 -14.85 -17.74 -3.95
C ALA A 31 -15.04 -16.41 -4.67
N ILE A 32 -16.22 -15.83 -4.49
CA ILE A 32 -16.57 -14.55 -5.11
C ILE A 32 -16.43 -13.51 -3.99
N ILE A 33 -15.48 -12.60 -4.15
CA ILE A 33 -15.20 -11.61 -3.12
C ILE A 33 -15.55 -10.16 -3.44
N ASP A 34 -16.44 -9.59 -2.64
CA ASP A 34 -16.84 -8.19 -2.81
C ASP A 34 -16.18 -7.44 -1.66
N VAL A 35 -15.67 -6.24 -1.95
CA VAL A 35 -15.00 -5.46 -0.92
C VAL A 35 -15.64 -4.09 -0.79
N ALA A 37 -15.27 -0.43 0.70
CA ALA A 37 -14.26 0.52 1.16
C ALA A 37 -14.61 1.91 0.64
N PRO A 38 -13.93 2.96 1.14
CA PRO A 38 -14.22 4.32 0.70
C PRO A 38 -14.13 4.41 -0.82
N ALA A 39 -14.73 5.46 -1.38
CA ALA A 39 -14.72 5.69 -2.83
C ALA A 39 -13.31 5.69 -3.41
N TRP A 40 -12.40 6.42 -2.77
CA TRP A 40 -11.02 6.52 -3.27
C TRP A 40 -10.28 5.18 -3.30
N CYS A 41 -10.84 4.16 -2.65
CA CYS A 41 -10.22 2.84 -2.64
C CYS A 41 -10.57 2.02 -3.88
N ARG A 42 -11.70 2.33 -4.49
CA ARG A 42 -12.13 1.59 -5.67
C ARG A 42 -11.05 1.41 -6.72
N PRO A 43 -10.28 2.47 -7.03
CA PRO A 43 -9.22 2.37 -8.05
C PRO A 43 -8.21 1.26 -7.77
N LEU A 44 -7.77 1.13 -6.54
CA LEU A 44 -6.79 0.11 -6.18
C LEU A 44 -7.39 -1.28 -6.30
N LEU A 45 -8.61 -1.43 -5.81
CA LEU A 45 -9.31 -2.70 -5.86
C LEU A 45 -9.49 -3.17 -7.31
N SER A 46 -9.66 -2.21 -8.22
CA SER A 46 -9.87 -2.56 -9.62
C SER A 46 -8.60 -3.19 -10.21
N ARG A 47 -7.47 -3.02 -9.53
CA ARG A 47 -6.22 -3.60 -9.99
C ARG A 47 -6.00 -5.00 -9.44
N PRO A 49 -7.22 -8.75 -9.26
CA PRO A 49 -8.06 -9.74 -9.95
C PRO A 49 -8.90 -10.62 -9.02
N GLU A 50 -8.50 -10.72 -7.76
CA GLU A 50 -9.22 -11.52 -6.78
C GLU A 50 -10.55 -10.89 -6.36
N VAL A 51 -10.68 -9.58 -6.60
CA VAL A 51 -11.88 -8.86 -6.21
C VAL A 51 -12.96 -8.82 -7.30
N ASN A 52 -14.14 -9.31 -6.95
CA ASN A 52 -15.26 -9.36 -7.89
C ASN A 52 -15.86 -7.98 -8.10
N GLU A 53 -16.24 -7.32 -7.01
CA GLU A 53 -16.86 -6.01 -7.10
C GLU A 53 -16.55 -5.13 -5.89
N ALA A 54 -16.48 -3.82 -6.13
CA ALA A 54 -16.21 -2.87 -5.06
C ALA A 54 -17.52 -2.21 -4.63
N ILE A 55 -18.12 -2.73 -3.55
CA ILE A 55 -19.37 -2.19 -3.03
C ILE A 55 -19.22 -0.71 -2.67
N PRO A 56 -19.94 0.18 -3.38
CA PRO A 56 -19.88 1.61 -3.14
C PRO A 56 -20.58 2.03 -1.85
N GLU A 65 -25.28 8.47 11.07
CA GLU A 65 -24.88 7.47 10.08
C GLU A 65 -25.49 6.11 10.43
N ILE A 66 -25.85 5.92 11.69
CA ILE A 66 -26.44 4.67 12.13
C ILE A 66 -27.64 4.29 11.29
N GLY A 67 -28.46 5.29 10.95
CA GLY A 67 -29.63 5.04 10.14
C GLY A 67 -29.25 4.62 8.73
N GLU A 68 -28.12 5.14 8.25
CA GLU A 68 -27.62 4.84 6.91
C GLU A 68 -27.02 3.44 6.87
N ARG A 69 -26.21 3.11 7.87
CA ARG A 69 -25.57 1.81 7.94
C ARG A 69 -26.61 0.70 7.86
N ARG A 70 -27.74 0.89 8.52
CA ARG A 70 -28.81 -0.12 8.51
C ARG A 70 -29.39 -0.25 7.10
N LYS A 71 -29.65 0.88 6.46
CA LYS A 71 -30.19 0.87 5.11
C LYS A 71 -29.21 0.20 4.16
N LEU A 72 -27.93 0.57 4.29
CA LEU A 72 -26.89 -0.01 3.46
C LEU A 72 -26.86 -1.51 3.67
N GLY A 73 -26.83 -1.93 4.93
CA GLY A 73 -26.80 -3.34 5.25
C GLY A 73 -28.00 -4.09 4.72
N HIS A 74 -29.18 -3.48 4.81
CA HIS A 74 -30.41 -4.11 4.34
C HIS A 74 -30.40 -4.36 2.84
N SER A 75 -29.82 -3.43 2.09
CA SER A 75 -29.76 -3.56 0.64
C SER A 75 -28.84 -4.70 0.21
N LEU A 76 -27.92 -5.10 1.09
CA LEU A 76 -26.98 -6.16 0.80
C LEU A 76 -27.55 -7.54 1.07
N ARG A 77 -28.77 -7.60 1.62
CA ARG A 77 -29.41 -8.87 1.91
C ARG A 77 -29.65 -9.65 0.62
N GLU A 78 -29.98 -8.93 -0.44
CA GLU A 78 -30.24 -9.54 -1.74
C GLU A 78 -29.02 -10.32 -2.24
N LYS A 79 -27.83 -9.81 -1.91
CA LYS A 79 -26.58 -10.44 -2.33
C LYS A 79 -26.46 -11.84 -1.73
N ARG A 80 -27.09 -12.04 -0.58
CA ARG A 80 -27.05 -13.34 0.08
C ARG A 80 -25.61 -13.79 0.34
N TYR A 81 -24.83 -12.92 0.96
CA TYR A 81 -23.44 -13.25 1.28
C TYR A 81 -23.39 -14.41 2.27
N ASP A 82 -22.54 -15.39 1.94
CA ASP A 82 -22.36 -16.56 2.79
C ASP A 82 -21.48 -16.24 3.99
N ARG A 83 -20.42 -15.46 3.75
CA ARG A 83 -19.49 -15.08 4.81
C ARG A 83 -19.13 -13.61 4.75
N ALA A 84 -18.57 -13.11 5.84
CA ALA A 84 -18.14 -11.72 5.91
C ALA A 84 -16.86 -11.65 6.74
N TYR A 85 -15.95 -10.76 6.31
CA TYR A 85 -14.68 -10.56 7.01
C TYR A 85 -14.54 -9.06 7.27
N VAL A 86 -14.36 -8.70 8.53
CA VAL A 86 -14.19 -7.30 8.90
C VAL A 86 -12.72 -7.07 9.21
N LEU A 87 -12.06 -6.25 8.39
CA LEU A 87 -10.62 -5.98 8.57
C LEU A 87 -10.28 -4.80 9.47
N PRO A 88 -11.10 -3.74 9.43
CA PRO A 88 -10.76 -2.61 10.30
C PRO A 88 -10.97 -3.08 11.74
N ASN A 89 -10.48 -2.34 12.72
CA ASN A 89 -10.64 -2.73 14.11
C ASN A 89 -11.79 -2.00 14.79
N SER A 90 -12.25 -0.91 14.19
CA SER A 90 -13.34 -0.12 14.77
C SER A 90 -14.59 -0.96 15.02
N PHE A 91 -15.32 -0.60 16.06
CA PHE A 91 -16.55 -1.28 16.42
C PHE A 91 -17.59 -1.14 15.32
N LYS A 92 -17.84 0.10 14.90
CA LYS A 92 -18.84 0.39 13.88
C LYS A 92 -18.59 -0.31 12.54
N SER A 93 -17.32 -0.61 12.24
CA SER A 93 -17.00 -1.27 10.96
C SER A 93 -17.64 -2.66 10.82
N ALA A 94 -17.97 -3.31 11.93
CA ALA A 94 -18.58 -4.62 11.85
C ALA A 94 -20.11 -4.60 11.90
N LEU A 95 -20.69 -3.40 11.86
CA LEU A 95 -22.14 -3.26 11.91
C LEU A 95 -22.84 -3.73 10.64
N VAL A 96 -22.38 -3.23 9.49
CA VAL A 96 -22.99 -3.59 8.21
C VAL A 96 -23.21 -5.09 8.01
N PRO A 97 -22.18 -5.92 8.23
CA PRO A 97 -22.34 -7.37 8.04
C PRO A 97 -23.50 -7.96 8.84
N LEU A 98 -23.73 -7.43 10.04
CA LEU A 98 -24.82 -7.92 10.87
C LEU A 98 -26.16 -7.54 10.26
N PHE A 99 -26.31 -6.26 9.90
CA PHE A 99 -27.54 -5.78 9.30
C PHE A 99 -27.84 -6.51 7.99
N ALA A 100 -26.80 -6.97 7.31
CA ALA A 100 -26.94 -7.69 6.06
C ALA A 100 -27.48 -9.10 6.28
N GLY A 101 -27.50 -9.53 7.54
CA GLY A 101 -28.00 -10.85 7.85
C GLY A 101 -27.04 -11.98 7.48
N ILE A 102 -25.76 -11.66 7.38
CA ILE A 102 -24.75 -12.67 7.03
C ILE A 102 -24.53 -13.61 8.22
N PRO A 103 -24.69 -14.93 8.00
CA PRO A 103 -24.52 -15.94 9.04
C PRO A 103 -23.15 -16.04 9.69
N HIS A 104 -22.10 -15.97 8.88
CA HIS A 104 -20.73 -16.08 9.38
C HIS A 104 -19.96 -14.78 9.23
N ARG A 105 -19.65 -14.15 10.35
CA ARG A 105 -18.92 -12.89 10.36
C ARG A 105 -17.62 -13.04 11.15
N THR A 106 -16.49 -12.99 10.44
CA THR A 106 -15.16 -13.16 11.04
C THR A 106 -14.31 -11.90 11.13
N GLY A 107 -13.43 -11.86 12.13
CA GLY A 107 -12.54 -10.74 12.31
C GLY A 107 -11.86 -10.75 13.66
N TRP A 108 -10.75 -10.04 13.79
CA TRP A 108 -10.06 -10.00 15.08
C TRP A 108 -10.94 -9.20 16.03
N ARG A 109 -10.83 -9.49 17.32
CA ARG A 109 -11.65 -8.82 18.33
C ARG A 109 -11.69 -7.30 18.19
N GLY A 110 -10.53 -6.67 17.97
CA GLY A 110 -10.52 -5.22 17.82
C GLY A 110 -11.16 -4.51 19.01
N GLU A 111 -12.12 -3.62 18.74
CA GLU A 111 -12.81 -2.90 19.81
C GLU A 111 -13.95 -3.72 20.40
N ARG A 113 -15.61 -6.55 19.55
CA ARG A 113 -16.71 -6.83 18.64
C ARG A 113 -17.37 -8.19 18.88
N TYR A 114 -17.56 -8.54 20.15
CA TYR A 114 -18.16 -9.82 20.50
C TYR A 114 -19.59 -10.01 19.98
N GLY A 115 -20.25 -8.94 19.59
CA GLY A 115 -21.60 -9.08 19.08
C GLY A 115 -21.67 -9.11 17.56
N LEU A 116 -21.05 -8.12 16.94
CA LEU A 116 -21.05 -8.02 15.49
C LEU A 116 -20.31 -9.17 14.82
N LEU A 117 -19.43 -9.82 15.58
CA LEU A 117 -18.65 -10.94 15.05
C LEU A 117 -18.90 -12.23 15.82
N ASN A 118 -19.54 -13.19 15.18
CA ASN A 118 -19.82 -14.47 15.84
C ASN A 118 -18.63 -15.42 15.70
N ASP A 119 -17.56 -14.93 15.07
CA ASP A 119 -16.35 -15.73 14.89
C ASP A 119 -15.18 -14.82 15.21
N VAL A 120 -15.17 -14.32 16.45
CA VAL A 120 -14.13 -13.42 16.94
C VAL A 120 -12.82 -14.16 17.18
N ARG A 121 -11.72 -13.55 16.76
CA ARG A 121 -10.40 -14.15 16.94
C ARG A 121 -9.62 -13.28 17.92
N VAL A 122 -9.11 -13.89 18.99
CA VAL A 122 -8.34 -13.15 19.99
C VAL A 122 -6.91 -13.05 19.51
N LEU A 123 -6.43 -11.82 19.36
CA LEU A 123 -5.09 -11.56 18.85
C LEU A 123 -3.96 -11.62 19.87
N ASP A 124 -2.93 -12.41 19.53
CA ASP A 124 -1.74 -12.56 20.35
C ASP A 124 -0.65 -11.92 19.49
N LYS A 125 -0.36 -10.64 19.74
CA LYS A 125 0.62 -9.89 18.98
C LYS A 125 1.96 -10.59 18.77
N GLU A 126 2.40 -11.36 19.77
CA GLU A 126 3.67 -12.06 19.67
C GLU A 126 3.56 -13.29 18.79
N ALA A 127 2.36 -13.85 18.67
CA ALA A 127 2.14 -15.03 17.85
C ALA A 127 1.94 -14.68 16.37
N TRP A 128 1.59 -13.41 16.11
CA TRP A 128 1.36 -12.92 14.75
C TRP A 128 2.04 -11.56 14.62
N PRO A 129 3.37 -11.55 14.44
CA PRO A 129 4.17 -10.32 14.31
C PRO A 129 3.93 -9.47 13.05
N LEU A 130 3.51 -10.10 11.96
CA LEU A 130 3.29 -9.35 10.72
C LEU A 130 1.80 -9.13 10.42
N VAL A 132 0.45 -8.94 7.56
CA VAL A 132 0.05 -9.85 6.48
C VAL A 132 -0.36 -11.21 7.02
N GLU A 133 0.33 -11.67 8.05
CA GLU A 133 0.00 -12.95 8.66
C GLU A 133 -1.37 -12.84 9.35
N ARG A 134 -1.63 -11.71 9.98
CA ARG A 134 -2.91 -11.52 10.66
C ARG A 134 -4.09 -11.55 9.70
N TYR A 135 -3.93 -10.98 8.51
CA TYR A 135 -5.02 -11.00 7.54
C TYR A 135 -5.22 -12.39 7.00
N ILE A 136 -4.12 -13.03 6.61
CA ILE A 136 -4.15 -14.37 6.06
C ILE A 136 -4.79 -15.37 7.02
N ALA A 137 -4.45 -15.27 8.30
CA ALA A 137 -4.99 -16.18 9.32
C ALA A 137 -6.52 -16.24 9.36
N LEU A 138 -7.18 -15.14 8.99
CA LEU A 138 -8.63 -15.10 9.02
C LEU A 138 -9.32 -16.05 8.04
N ALA A 139 -8.59 -16.47 7.01
CA ALA A 139 -9.14 -17.36 6.00
C ALA A 139 -9.19 -18.81 6.51
N TYR A 140 -8.62 -19.04 7.69
CA TYR A 140 -8.61 -20.38 8.27
C TYR A 140 -9.53 -20.49 9.47
N ASP A 141 -9.94 -21.71 9.79
CA ASP A 141 -10.83 -21.95 10.93
C ASP A 141 -10.18 -21.50 12.23
N LYS A 142 -11.01 -20.97 13.14
CA LYS A 142 -10.54 -20.48 14.42
C LYS A 142 -9.56 -21.38 15.18
N GLY A 143 -10.05 -22.50 15.69
CA GLY A 143 -9.19 -23.40 16.44
C GLY A 143 -8.18 -24.21 15.64
N ILE A 144 -7.45 -23.56 14.75
CA ILE A 144 -6.46 -24.27 13.96
C ILE A 144 -5.10 -23.59 14.01
N ARG A 146 -2.48 -21.14 15.83
CA ARG A 146 -2.14 -20.54 17.11
C ARG A 146 -1.04 -19.51 16.91
N THR A 147 -0.17 -19.77 15.94
CA THR A 147 0.92 -18.86 15.61
C THR A 147 1.06 -18.80 14.09
N ALA A 148 1.82 -17.82 13.61
CA ALA A 148 2.03 -17.66 12.18
C ALA A 148 2.74 -18.85 11.57
N GLN A 149 3.46 -19.60 12.38
CA GLN A 149 4.19 -20.77 11.87
C GLN A 149 3.24 -21.86 11.39
N ASP A 150 2.00 -21.85 11.88
CA ASP A 150 1.02 -22.85 11.46
C ASP A 150 0.42 -22.56 10.09
N LEU A 151 0.61 -21.34 9.60
CA LEU A 151 0.06 -20.98 8.30
C LEU A 151 0.67 -21.78 7.16
N PRO A 152 -0.18 -22.36 6.31
CA PRO A 152 0.32 -23.14 5.17
C PRO A 152 1.25 -22.28 4.33
N GLN A 153 2.42 -22.81 4.00
CA GLN A 153 3.41 -22.09 3.21
C GLN A 153 3.39 -22.61 1.77
N PRO A 154 3.77 -21.76 0.80
CA PRO A 154 4.20 -20.37 0.98
C PRO A 154 3.01 -19.44 1.14
N LEU A 155 3.21 -18.32 1.84
CA LEU A 155 2.13 -17.36 2.03
C LEU A 155 1.92 -16.64 0.71
N LEU A 156 0.69 -16.23 0.43
CA LEU A 156 0.41 -15.51 -0.80
C LEU A 156 0.51 -14.02 -0.54
N TRP A 157 1.63 -13.43 -0.94
CA TRP A 157 1.89 -12.01 -0.74
C TRP A 157 1.11 -11.14 -1.72
N PRO A 158 0.92 -9.85 -1.39
CA PRO A 158 0.19 -8.99 -2.32
C PRO A 158 0.96 -9.03 -3.62
N GLN A 159 0.27 -8.90 -4.74
CA GLN A 159 0.92 -8.97 -6.03
C GLN A 159 0.05 -8.27 -7.07
N LEU A 160 0.66 -7.37 -7.84
CA LEU A 160 -0.03 -6.62 -8.87
C LEU A 160 0.69 -6.74 -10.20
N GLN A 161 -0.06 -6.77 -11.29
CA GLN A 161 0.51 -6.89 -12.63
C GLN A 161 0.04 -5.70 -13.46
N VAL A 162 0.90 -5.24 -14.36
CA VAL A 162 0.61 -4.11 -15.23
C VAL A 162 1.21 -4.39 -16.63
N SER A 163 0.42 -4.20 -17.68
CA SER A 163 0.90 -4.46 -19.04
C SER A 163 1.67 -3.28 -19.63
N GLU A 164 2.44 -3.54 -20.68
CA GLU A 164 3.22 -2.49 -21.33
C GLU A 164 2.30 -1.45 -21.94
N GLY A 165 1.17 -1.90 -22.46
CA GLY A 165 0.21 -1.00 -23.08
C GLY A 165 -0.33 0.00 -22.07
N GLU A 166 -0.62 -0.48 -20.86
CA GLU A 166 -1.13 0.38 -19.81
C GLU A 166 -0.06 1.42 -19.44
N LYS A 167 1.16 0.96 -19.23
CA LYS A 167 2.25 1.87 -18.88
C LYS A 167 2.44 2.93 -19.95
N SER A 168 2.43 2.49 -21.21
CA SER A 168 2.62 3.38 -22.34
C SER A 168 1.60 4.52 -22.40
N TYR A 169 0.31 4.17 -22.40
CA TYR A 169 -0.73 5.18 -22.44
C TYR A 169 -0.73 6.11 -21.23
N THR A 170 -0.63 5.53 -20.04
CA THR A 170 -0.66 6.30 -18.81
C THR A 170 0.51 7.30 -18.74
N CYS A 171 1.67 6.91 -19.25
CA CYS A 171 2.79 7.84 -19.25
C CYS A 171 2.44 9.05 -20.13
N ASN A 172 1.78 8.81 -21.27
CA ASN A 172 1.39 9.93 -22.13
C ASN A 172 0.25 10.73 -21.48
N GLN A 173 -0.64 10.05 -20.78
CA GLN A 173 -1.76 10.69 -20.11
C GLN A 173 -1.26 11.73 -19.10
N PHE A 174 -0.06 11.50 -18.58
CA PHE A 174 0.50 12.42 -17.61
C PHE A 174 1.68 13.24 -18.15
N SER A 175 1.72 13.35 -19.48
CA SER A 175 2.73 14.13 -20.17
C SER A 175 4.17 13.78 -19.81
N LEU A 176 4.44 12.49 -19.66
CA LEU A 176 5.78 12.05 -19.33
C LEU A 176 6.52 11.66 -20.59
N SER A 177 7.79 12.03 -20.66
CA SER A 177 8.64 11.72 -21.80
C SER A 177 9.24 10.33 -21.71
N SER A 178 9.37 9.67 -22.86
CA SER A 178 9.97 8.33 -22.89
C SER A 178 11.44 8.44 -23.25
N GLU A 179 11.93 9.67 -23.37
CA GLU A 179 13.33 9.90 -23.72
C GLU A 179 14.30 9.58 -22.58
N ARG A 180 13.79 9.31 -21.39
CA ARG A 180 14.65 8.97 -20.25
C ARG A 180 13.93 8.09 -19.24
N PRO A 181 14.64 7.11 -18.66
CA PRO A 181 14.07 6.20 -17.66
C PRO A 181 13.63 6.98 -16.42
N ILE A 183 12.56 7.39 -12.26
CA ILE A 183 12.75 6.97 -10.88
C ILE A 183 11.57 7.63 -10.17
N GLY A 184 10.86 6.88 -9.35
CA GLY A 184 9.74 7.45 -8.65
C GLY A 184 10.05 7.73 -7.18
N PHE A 185 9.55 8.86 -6.67
CA PHE A 185 9.74 9.25 -5.27
C PHE A 185 8.36 9.29 -4.62
N CYS A 186 8.27 8.88 -3.36
CA CYS A 186 7.02 8.92 -2.60
C CYS A 186 7.42 9.61 -1.29
N PRO A 187 7.57 10.95 -1.32
CA PRO A 187 7.97 11.77 -0.18
C PRO A 187 7.01 11.95 0.99
N GLY A 188 5.75 11.56 0.82
CA GLY A 188 4.78 11.70 1.90
C GLY A 188 4.82 10.55 2.88
N ALA A 189 3.89 10.57 3.84
CA ALA A 189 3.81 9.53 4.85
C ALA A 189 2.55 9.75 5.66
N GLU A 190 1.67 8.76 5.65
CA GLU A 190 0.43 8.87 6.39
C GLU A 190 0.63 9.02 7.89
N PHE A 191 1.66 8.37 8.42
CA PHE A 191 1.90 8.46 9.87
C PHE A 191 2.54 9.74 10.37
N GLY A 192 2.63 10.76 9.52
CA GLY A 192 3.19 12.03 9.96
C GLY A 192 4.59 12.43 9.50
N PRO A 193 4.94 13.72 9.65
CA PRO A 193 6.23 14.28 9.26
C PRO A 193 7.44 13.54 9.81
N ALA A 194 7.33 13.02 11.03
CA ALA A 194 8.44 12.32 11.66
C ALA A 194 8.96 11.15 10.84
N LYS A 195 8.11 10.55 10.01
CA LYS A 195 8.54 9.42 9.22
C LYS A 195 8.97 9.80 7.80
N ARG A 196 9.01 11.11 7.51
CA ARG A 196 9.39 11.54 6.18
C ARG A 196 10.85 11.90 6.02
N TRP A 197 11.46 11.42 4.93
CA TRP A 197 12.84 11.78 4.66
C TRP A 197 12.66 13.25 4.27
N PRO A 198 13.57 14.14 4.69
CA PRO A 198 13.48 15.57 4.37
C PRO A 198 13.30 15.95 2.90
N HIS A 199 12.43 16.93 2.66
CA HIS A 199 12.17 17.40 1.31
C HIS A 199 13.47 17.81 0.61
N TYR A 200 14.41 18.39 1.33
CA TYR A 200 15.66 18.80 0.70
C TYR A 200 16.56 17.63 0.36
N HIS A 201 16.42 16.52 1.10
CA HIS A 201 17.22 15.34 0.77
C HIS A 201 16.66 14.76 -0.53
N TYR A 202 15.34 14.72 -0.67
CA TYR A 202 14.75 14.21 -1.91
C TYR A 202 15.20 15.08 -3.08
N ALA A 203 15.30 16.39 -2.86
CA ALA A 203 15.72 17.31 -3.92
C ALA A 203 17.15 17.03 -4.36
N GLU A 204 18.04 16.87 -3.39
CA GLU A 204 19.44 16.59 -3.67
C GLU A 204 19.56 15.26 -4.44
N LEU A 205 18.78 14.27 -4.02
CA LEU A 205 18.81 12.97 -4.70
C LEU A 205 18.32 13.10 -6.14
N ALA A 206 17.31 13.95 -6.34
CA ALA A 206 16.78 14.16 -7.68
C ALA A 206 17.85 14.79 -8.58
N LYS A 207 18.59 15.75 -8.06
CA LYS A 207 19.64 16.42 -8.84
C LYS A 207 20.67 15.40 -9.28
N GLN A 208 21.04 14.51 -8.35
CA GLN A 208 22.02 13.47 -8.63
C GLN A 208 21.52 12.49 -9.69
N LEU A 209 20.24 12.11 -9.60
CA LEU A 209 19.66 11.16 -10.55
C LEU A 209 19.49 11.77 -11.94
N ILE A 210 19.04 13.01 -12.00
CA ILE A 210 18.86 13.70 -13.26
C ILE A 210 20.22 13.82 -13.94
N ASP A 211 21.26 14.00 -13.12
CA ASP A 211 22.60 14.13 -13.67
C ASP A 211 23.09 12.78 -14.20
N GLU A 212 22.52 11.68 -13.71
CA GLU A 212 22.88 10.35 -14.18
C GLU A 212 22.10 9.93 -15.42
N GLY A 213 21.19 10.78 -15.87
CA GLY A 213 20.41 10.46 -17.06
C GLY A 213 18.99 9.98 -16.80
N TYR A 214 18.53 10.09 -15.56
CA TYR A 214 17.18 9.69 -15.20
C TYR A 214 16.25 10.90 -15.09
N GLN A 215 14.95 10.65 -15.01
CA GLN A 215 13.98 11.71 -14.79
C GLN A 215 13.27 11.26 -13.52
N VAL A 216 12.73 12.21 -12.76
CA VAL A 216 12.07 11.89 -11.51
C VAL A 216 10.58 12.21 -11.53
N VAL A 217 9.81 11.38 -10.84
CA VAL A 217 8.37 11.56 -10.75
C VAL A 217 8.01 11.42 -9.28
N LEU A 218 7.24 12.39 -8.78
CA LEU A 218 6.82 12.41 -7.37
C LEU A 218 5.39 11.93 -7.27
N PHE A 219 5.15 10.92 -6.44
CA PHE A 219 3.80 10.36 -6.24
C PHE A 219 3.31 10.69 -4.85
N GLY A 220 1.99 10.83 -4.70
CA GLY A 220 1.42 11.13 -3.40
C GLY A 220 -0.03 11.57 -3.51
N SER A 221 -0.64 11.91 -2.38
CA SER A 221 -2.02 12.36 -2.36
C SER A 221 -2.08 13.86 -2.54
N ALA A 222 -3.29 14.41 -2.58
CA ALA A 222 -3.47 15.85 -2.73
C ALA A 222 -2.71 16.58 -1.63
N LYS A 223 -2.67 15.97 -0.44
CA LYS A 223 -1.98 16.55 0.70
C LYS A 223 -0.46 16.64 0.49
N ASP A 224 0.09 15.73 -0.29
CA ASP A 224 1.53 15.71 -0.55
C ASP A 224 1.95 16.65 -1.67
N HIS A 225 0.98 17.29 -2.32
CA HIS A 225 1.30 18.19 -3.44
C HIS A 225 2.25 19.31 -3.08
N GLU A 226 2.00 19.98 -1.96
CA GLU A 226 2.87 21.08 -1.52
C GLU A 226 4.27 20.53 -1.27
N ALA A 227 4.35 19.32 -0.72
CA ALA A 227 5.66 18.72 -0.45
C ALA A 227 6.38 18.53 -1.78
N GLY A 228 5.64 18.10 -2.80
CA GLY A 228 6.23 17.90 -4.11
C GLY A 228 6.74 19.19 -4.70
N ASN A 229 5.99 20.28 -4.48
CA ASN A 229 6.39 21.58 -5.00
C ASN A 229 7.62 22.13 -4.27
N GLU A 230 7.75 21.85 -2.97
CA GLU A 230 8.89 22.32 -2.21
C GLU A 230 10.16 21.61 -2.70
N ILE A 231 9.99 20.37 -3.16
CA ILE A 231 11.12 19.60 -3.69
C ILE A 231 11.54 20.20 -5.03
N LEU A 232 10.57 20.46 -5.90
CA LEU A 232 10.84 21.05 -7.21
C LEU A 232 11.48 22.43 -7.12
N ALA A 233 11.05 23.21 -6.14
CA ALA A 233 11.56 24.56 -5.94
C ALA A 233 13.05 24.58 -5.60
N ALA A 234 13.61 23.42 -5.28
CA ALA A 234 15.02 23.33 -4.92
C ALA A 234 15.89 23.00 -6.12
N LEU A 235 15.27 22.76 -7.26
CA LEU A 235 16.01 22.40 -8.47
C LEU A 235 16.04 23.59 -9.42
N ASN A 236 17.04 23.64 -10.29
CA ASN A 236 17.14 24.73 -11.26
C ASN A 236 16.18 24.45 -12.41
N THR A 237 16.12 25.36 -13.38
CA THR A 237 15.24 25.20 -14.54
C THR A 237 15.51 23.93 -15.34
N GLU A 238 16.77 23.67 -15.64
CA GLU A 238 17.14 22.50 -16.40
C GLU A 238 16.71 21.20 -15.71
N GLN A 239 16.89 21.15 -14.40
CA GLN A 239 16.53 19.97 -13.63
C GLN A 239 15.02 19.82 -13.47
N GLN A 240 14.32 20.94 -13.28
CA GLN A 240 12.87 20.91 -13.14
C GLN A 240 12.18 20.32 -14.36
N ALA A 241 12.86 20.38 -15.50
CA ALA A 241 12.30 19.85 -16.74
C ALA A 241 12.28 18.33 -16.70
N TRP A 242 13.01 17.77 -15.75
CA TRP A 242 13.09 16.31 -15.60
C TRP A 242 12.55 15.82 -14.25
N CYS A 243 11.69 16.63 -13.64
CA CYS A 243 11.07 16.27 -12.37
C CYS A 243 9.60 16.68 -12.40
N ARG A 244 8.71 15.69 -12.35
CA ARG A 244 7.27 15.94 -12.40
C ARG A 244 6.57 15.63 -11.07
N ASN A 245 5.78 16.59 -10.61
CA ASN A 245 5.03 16.43 -9.37
C ASN A 245 3.62 15.91 -9.69
N LEU A 246 3.38 14.63 -9.46
CA LEU A 246 2.07 14.03 -9.72
C LEU A 246 1.29 13.81 -8.42
N ALA A 247 1.79 14.32 -7.30
CA ALA A 247 1.05 14.15 -6.04
C ALA A 247 -0.30 14.85 -6.16
N GLY A 248 -1.38 14.10 -5.95
CA GLY A 248 -2.72 14.64 -6.03
C GLY A 248 -3.29 14.70 -7.44
N GLU A 249 -2.50 14.30 -8.43
CA GLU A 249 -2.91 14.33 -9.84
C GLU A 249 -3.41 13.00 -10.38
N THR A 250 -3.13 11.92 -9.66
CA THR A 250 -3.50 10.58 -10.10
C THR A 250 -4.50 9.88 -9.18
N GLN A 251 -5.19 8.90 -9.74
CA GLN A 251 -6.12 8.06 -8.98
C GLN A 251 -5.21 6.86 -8.67
N LEU A 252 -5.55 6.07 -7.67
CA LEU A 252 -4.70 4.92 -7.29
C LEU A 252 -4.37 3.96 -8.45
N ASP A 253 -5.33 3.75 -9.35
CA ASP A 253 -5.08 2.85 -10.46
C ASP A 253 -4.02 3.42 -11.37
N GLN A 254 -4.03 4.73 -11.60
CA GLN A 254 -3.03 5.36 -12.43
C GLN A 254 -1.68 5.36 -11.70
N ALA A 255 -1.71 5.55 -10.39
CA ALA A 255 -0.48 5.53 -9.60
C ALA A 255 0.19 4.16 -9.70
N VAL A 256 -0.62 3.10 -9.61
CA VAL A 256 -0.10 1.74 -9.69
C VAL A 256 0.63 1.53 -11.02
N ILE A 257 -0.01 1.95 -12.10
CA ILE A 257 0.56 1.82 -13.44
C ILE A 257 1.88 2.59 -13.57
N LEU A 258 1.87 3.86 -13.16
CA LEU A 258 3.10 4.68 -13.25
C LEU A 258 4.26 4.16 -12.40
N ILE A 259 3.94 3.68 -11.19
CA ILE A 259 4.95 3.12 -10.33
C ILE A 259 5.57 1.90 -11.04
N ALA A 260 4.73 1.10 -11.67
CA ALA A 260 5.20 -0.08 -12.38
C ALA A 260 6.15 0.32 -13.52
N ALA A 261 5.93 1.49 -14.10
CA ALA A 261 6.77 1.98 -15.20
C ALA A 261 8.12 2.54 -14.77
N CYS A 262 8.30 2.72 -13.47
CA CYS A 262 9.56 3.26 -12.93
C CYS A 262 10.65 2.20 -12.80
N LYS A 263 11.90 2.60 -13.03
CA LYS A 263 13.02 1.67 -12.90
C LYS A 263 13.29 1.33 -11.43
N ALA A 264 12.94 2.26 -10.55
CA ALA A 264 13.10 2.07 -9.11
C ALA A 264 12.27 3.10 -8.38
N ILE A 265 12.04 2.85 -7.09
CA ILE A 265 11.24 3.72 -6.25
C ILE A 265 11.99 4.03 -4.96
N VAL A 266 11.86 5.26 -4.48
CA VAL A 266 12.47 5.66 -3.20
C VAL A 266 11.28 6.15 -2.40
N THR A 267 11.11 5.65 -1.18
CA THR A 267 9.95 6.03 -0.38
C THR A 267 10.20 5.91 1.11
N ASN A 268 9.33 6.56 1.87
CA ASN A 268 9.36 6.49 3.33
C ASN A 268 8.45 5.31 3.69
N ASP A 269 8.30 5.06 4.98
CA ASP A 269 7.41 3.99 5.46
C ASP A 269 6.00 4.53 5.25
N SER A 270 5.39 4.18 4.13
CA SER A 270 4.05 4.65 3.80
C SER A 270 3.25 3.63 3.00
N GLY A 271 1.99 3.97 2.69
CA GLY A 271 1.15 3.08 1.92
C GLY A 271 1.66 2.77 0.51
N LEU A 272 2.19 3.76 -0.18
CA LEU A 272 2.67 3.53 -1.55
C LEU A 272 3.87 2.58 -1.58
N HIS A 274 4.11 -0.18 -0.04
CA HIS A 274 3.50 -1.50 -0.24
C HIS A 274 3.03 -1.73 -1.67
N VAL A 275 2.60 -0.67 -2.33
CA VAL A 275 2.17 -0.78 -3.71
C VAL A 275 3.38 -1.13 -4.57
N ALA A 276 4.48 -0.41 -4.40
CA ALA A 276 5.70 -0.67 -5.17
C ALA A 276 6.19 -2.10 -4.94
N ALA A 277 6.12 -2.54 -3.68
CA ALA A 277 6.55 -3.89 -3.30
C ALA A 277 5.71 -4.95 -4.02
N ALA A 278 4.40 -4.71 -4.11
CA ALA A 278 3.49 -5.64 -4.76
C ALA A 278 3.78 -5.73 -6.25
N LEU A 279 4.28 -4.63 -6.82
CA LEU A 279 4.62 -4.58 -8.24
C LEU A 279 6.00 -5.17 -8.51
N ASN A 280 6.71 -5.51 -7.44
CA ASN A 280 8.05 -6.10 -7.55
C ASN A 280 9.05 -5.15 -8.23
N ARG A 281 8.93 -3.86 -7.93
CA ARG A 281 9.82 -2.86 -8.49
C ARG A 281 10.98 -2.67 -7.52
N PRO A 282 12.20 -2.43 -8.02
CA PRO A 282 13.31 -2.23 -7.09
C PRO A 282 12.91 -1.03 -6.24
N LEU A 283 13.14 -1.10 -4.94
CA LEU A 283 12.75 -0.03 -4.07
C LEU A 283 13.66 0.13 -2.87
N VAL A 284 13.84 1.39 -2.45
CA VAL A 284 14.65 1.70 -1.29
C VAL A 284 13.68 2.37 -0.32
N ALA A 285 13.50 1.76 0.85
CA ALA A 285 12.59 2.26 1.86
C ALA A 285 13.37 2.87 3.03
N LEU A 286 13.11 4.15 3.28
CA LEU A 286 13.80 4.90 4.33
C LEU A 286 13.04 4.96 5.64
N TYR A 287 13.64 4.43 6.69
CA TYR A 287 13.03 4.42 8.03
C TYR A 287 13.77 5.27 9.04
N GLY A 288 13.00 5.85 9.95
CA GLY A 288 13.55 6.68 10.99
C GLY A 288 13.03 6.24 12.35
N PRO A 289 12.05 6.95 12.93
CA PRO A 289 11.51 6.55 14.23
C PRO A 289 10.75 5.22 14.23
N SER A 290 10.19 4.84 13.08
CA SER A 290 9.44 3.59 12.98
C SER A 290 10.32 2.46 12.43
N SER A 291 9.87 1.22 12.59
CA SER A 291 10.62 0.08 12.09
C SER A 291 9.75 -0.74 11.15
N PRO A 292 10.36 -1.60 10.34
CA PRO A 292 9.60 -2.42 9.39
C PRO A 292 9.15 -3.75 10.02
N ASP A 293 9.19 -3.83 11.34
CA ASP A 293 8.81 -5.05 12.08
C ASP A 293 7.38 -5.54 11.86
N PHE A 294 6.45 -4.63 11.68
CA PHE A 294 5.03 -4.98 11.52
C PHE A 294 4.54 -5.04 10.09
N THR A 295 4.89 -4.02 9.31
CA THR A 295 4.48 -3.93 7.92
C THR A 295 5.67 -3.69 7.00
N PRO A 296 6.58 -4.68 6.91
CA PRO A 296 7.74 -4.52 6.05
C PRO A 296 7.38 -4.62 4.58
N PRO A 297 8.22 -4.05 3.70
CA PRO A 297 7.91 -4.14 2.26
C PRO A 297 8.11 -5.59 1.85
N LEU A 298 7.04 -6.22 1.36
CA LEU A 298 7.10 -7.64 0.98
C LEU A 298 7.52 -7.80 -0.48
N SER A 299 8.83 -7.81 -0.69
CA SER A 299 9.41 -7.95 -2.02
C SER A 299 10.88 -8.27 -1.87
N HIS A 300 11.38 -9.15 -2.73
CA HIS A 300 12.79 -9.52 -2.68
C HIS A 300 13.67 -8.42 -3.29
N LYS A 301 13.06 -7.47 -3.98
CA LYS A 301 13.81 -6.39 -4.63
C LYS A 301 13.82 -5.10 -3.82
N ALA A 302 13.33 -5.19 -2.58
CA ALA A 302 13.30 -4.03 -1.68
C ALA A 302 14.50 -4.06 -0.73
N ARG A 303 14.95 -2.86 -0.35
CA ARG A 303 16.05 -2.71 0.59
C ARG A 303 15.59 -1.65 1.57
N VAL A 304 15.87 -1.87 2.85
CA VAL A 304 15.49 -0.95 3.90
C VAL A 304 16.71 -0.29 4.50
N ILE A 305 16.63 1.03 4.68
CA ILE A 305 17.72 1.77 5.28
C ILE A 305 17.19 2.42 6.55
N ARG A 306 17.87 2.12 7.66
CA ARG A 306 17.50 2.68 8.96
C ARG A 306 18.78 2.75 9.78
N LEU A 307 19.04 3.90 10.38
CA LEU A 307 20.26 4.08 11.16
C LEU A 307 20.11 3.80 12.65
N ILE A 308 18.88 3.80 13.14
CA ILE A 308 18.65 3.56 14.57
C ILE A 308 17.87 2.27 14.81
N THR A 309 17.70 1.93 16.08
CA THR A 309 16.99 0.72 16.49
C THR A 309 15.79 1.09 17.35
N GLY A 310 14.89 0.14 17.57
CA GLY A 310 13.71 0.38 18.37
C GLY A 310 12.45 0.34 17.53
N GLU A 321 5.70 17.40 14.81
CA GLU A 321 5.33 18.01 13.55
C GLU A 321 6.55 18.19 12.66
N GLY A 322 7.72 17.91 13.20
CA GLY A 322 8.94 18.07 12.43
C GLY A 322 9.61 16.78 12.05
N TYR A 323 10.71 16.90 11.30
CA TYR A 323 11.48 15.75 10.87
C TYR A 323 12.23 15.14 12.05
N HIS A 324 12.58 13.88 11.91
CA HIS A 324 13.31 13.16 12.95
C HIS A 324 14.78 13.10 12.57
N GLN A 325 15.65 13.24 13.55
CA GLN A 325 17.10 13.23 13.31
C GLN A 325 17.56 11.97 12.59
N SER A 326 16.94 10.83 12.91
CA SER A 326 17.33 9.56 12.29
C SER A 326 17.16 9.55 10.78
N LEU A 327 16.23 10.34 10.27
CA LEU A 327 16.00 10.42 8.83
C LEU A 327 16.86 11.53 8.23
N ILE A 328 17.03 12.61 8.99
CA ILE A 328 17.87 13.70 8.53
C ILE A 328 19.28 13.16 8.35
N ASP A 329 19.69 12.23 9.22
CA ASP A 329 21.04 11.66 9.14
C ASP A 329 21.27 10.70 7.97
N ILE A 330 20.22 10.32 7.26
CA ILE A 330 20.39 9.45 6.10
C ILE A 330 20.69 10.37 4.92
N THR A 331 21.93 10.34 4.44
CA THR A 331 22.35 11.21 3.34
C THR A 331 21.90 10.75 1.96
N PRO A 332 21.69 11.71 1.05
CA PRO A 332 21.27 11.40 -0.31
C PRO A 332 22.30 10.49 -0.98
N GLN A 333 23.56 10.63 -0.59
CA GLN A 333 24.63 9.80 -1.16
C GLN A 333 24.48 8.35 -0.75
N ARG A 334 24.10 8.10 0.50
CA ARG A 334 23.91 6.73 0.95
C ARG A 334 22.78 6.08 0.16
N VAL A 335 21.68 6.81 0.01
CA VAL A 335 20.51 6.33 -0.74
C VAL A 335 20.84 6.14 -2.22
N LEU A 336 21.57 7.09 -2.79
CA LEU A 336 21.94 7.00 -4.20
C LEU A 336 22.75 5.74 -4.48
N GLU A 337 23.68 5.43 -3.58
CA GLU A 337 24.52 4.24 -3.73
C GLU A 337 23.70 2.96 -3.70
N GLU A 338 22.73 2.90 -2.79
CA GLU A 338 21.87 1.73 -2.69
C GLU A 338 20.99 1.62 -3.93
N LEU A 339 20.54 2.76 -4.42
CA LEU A 339 19.68 2.82 -5.59
C LEU A 339 20.42 2.38 -6.86
N ASN A 340 21.59 2.96 -7.12
CA ASN A 340 22.34 2.57 -8.32
C ASN A 340 22.63 1.06 -8.36
N ALA A 341 22.80 0.46 -7.19
CA ALA A 341 23.10 -0.97 -7.11
C ALA A 341 21.91 -1.80 -7.60
N LEU A 342 20.72 -1.46 -7.11
CA LEU A 342 19.51 -2.16 -7.51
C LEU A 342 19.18 -1.89 -8.97
N LEU A 343 19.50 -0.68 -9.44
CA LEU A 343 19.25 -0.33 -10.82
C LEU A 343 20.14 -1.17 -11.73
N LEU A 344 21.37 -1.44 -11.28
CA LEU A 344 22.31 -2.23 -12.05
C LEU A 344 21.80 -3.68 -12.18
N GLN A 345 21.39 -4.24 -11.04
CA GLN A 345 20.87 -5.61 -10.99
C GLN A 345 19.74 -5.80 -12.00
N GLU A 346 18.85 -4.81 -12.06
CA GLU A 346 17.72 -4.85 -12.97
C GLU A 346 18.17 -4.87 -14.43
N GLU A 347 19.20 -4.10 -14.75
CA GLU A 347 19.70 -4.06 -16.13
C GLU A 347 20.36 -5.39 -16.51
N ALA A 348 21.18 -5.91 -15.60
CA ALA A 348 21.89 -7.16 -15.84
C ALA A 348 20.92 -8.32 -16.09
#